data_8COT
#
_entry.id   8COT
#
_cell.length_a   99.314
_cell.length_b   99.314
_cell.length_c   98.854
_cell.angle_alpha   90.00
_cell.angle_beta   90.00
_cell.angle_gamma   120.00
#
_symmetry.space_group_name_H-M   'P 63'
#
loop_
_entity.id
_entity.type
_entity.pdbx_description
1 polymer 'Adenylate cyclase type 10'
2 non-polymer '2-(dimethylamino)ethyl 5-(2-azanyl-6-chloranyl-pyrimidin-4-yl)-2-methyl-4-(phenylmethyl)pyrazole-3-carboxylate'
3 non-polymer 'DIMETHYL SULFOXIDE'
4 non-polymer 1,2-ETHANEDIOL
5 non-polymer 'ACETATE ION'
6 water water
#
_entity_poly.entity_id   1
_entity_poly.type   'polypeptide(L)'
_entity_poly.pdbx_seq_one_letter_code
;MNTPKEEFQDWPIVRIAAHLPDLIVYGHFSPERPFMDYFDGVLMFVDISGFTAMTEKFSSAMYMDRGAEQLVEILNYHIS
AIVEKVLIFGGDILKFAGDALLALWRVERKQLKNIITVVIKCSLEIHGLFETQEWEEGLDIRVKIGLAAGHISMLVFGDE
THSHFLVIGQAVDDVRLAQNMAQMNDVILSPNCWQLCDRSMIEIESVPDQRAVKVNFLKPPPNFNFDEFFTKCTTFMHYY
PSGEHKNLLRLA(CME)TLKPDPELEMSLQKYVMESILKQIDNKQLQGYLSELRPVTIVFVNLMFEDQDKAEEIGPAIQD
AYMHITSVLKIFQGQINKVFMFDKGCSFLCVFGFPGEKVPDELTHALECAMDIFDFCSQVHKIQTVSIGVASGIVFCGIV
GHTVRHEYTVIGQKVNLAARMMMYYPGIVTCDSVTYNGSNLPAYFFKELPKKVMKGVADSGPLYQYWGRTEKVHHHHHH
;
_entity_poly.pdbx_strand_id   A
#
# COMPACT_ATOMS: atom_id res chain seq x y z
N GLU A 7 22.31 24.11 5.48
CA GLU A 7 22.09 23.31 4.28
C GLU A 7 20.66 23.48 3.75
N PHE A 8 20.55 23.98 2.53
CA PHE A 8 19.28 24.04 1.82
C PHE A 8 18.93 22.64 1.31
N GLN A 9 17.68 22.22 1.51
CA GLN A 9 17.32 20.87 1.12
C GLN A 9 15.91 20.77 0.52
N ASP A 10 15.33 21.87 0.07
CA ASP A 10 13.97 21.88 -0.44
C ASP A 10 13.90 21.74 -1.96
N TRP A 11 14.85 21.03 -2.56
CA TRP A 11 14.88 20.85 -3.99
C TRP A 11 13.73 19.98 -4.46
N PRO A 12 13.32 20.12 -5.72
CA PRO A 12 12.32 19.19 -6.28
C PRO A 12 12.70 17.72 -6.13
N ILE A 13 13.97 17.38 -6.30
CA ILE A 13 14.35 15.97 -6.20
C ILE A 13 14.07 15.45 -4.79
N VAL A 14 14.23 16.29 -3.78
CA VAL A 14 13.96 15.87 -2.41
C VAL A 14 12.45 15.72 -2.18
N ARG A 15 11.66 16.68 -2.66
CA ARG A 15 10.21 16.58 -2.52
C ARG A 15 9.68 15.33 -3.19
N ILE A 16 10.28 14.94 -4.33
CA ILE A 16 9.87 13.71 -5.00
C ILE A 16 10.26 12.49 -4.16
N ALA A 17 11.48 12.48 -3.64
CA ALA A 17 11.94 11.36 -2.84
C ALA A 17 11.05 11.12 -1.63
N ALA A 18 10.34 12.16 -1.15
CA ALA A 18 9.43 11.98 -0.04
C ALA A 18 8.36 10.94 -0.34
N HIS A 19 7.95 10.82 -1.60
CA HIS A 19 6.88 9.90 -1.99
C HIS A 19 7.37 8.47 -2.20
N LEU A 20 8.65 8.20 -1.97
CA LEU A 20 9.25 6.92 -2.31
C LEU A 20 10.10 6.38 -1.16
N PRO A 21 10.23 5.06 -1.07
CA PRO A 21 11.13 4.47 -0.08
C PRO A 21 12.58 4.52 -0.55
N ASP A 22 13.49 4.33 0.41
CA ASP A 22 14.90 4.22 0.09
C ASP A 22 15.18 3.06 -0.85
N LEU A 23 14.39 1.99 -0.73
CA LEU A 23 14.48 0.87 -1.66
C LEU A 23 14.51 1.35 -3.11
N ILE A 24 13.77 2.41 -3.42
CA ILE A 24 13.73 2.98 -4.76
C ILE A 24 14.70 4.15 -4.91
N VAL A 25 14.75 5.02 -3.91
CA VAL A 25 15.55 6.25 -4.03
C VAL A 25 17.03 5.91 -4.21
N TYR A 26 17.52 4.90 -3.50
CA TYR A 26 18.93 4.54 -3.53
C TYR A 26 19.18 3.24 -4.26
N GLY A 27 18.19 2.70 -4.95
CA GLY A 27 18.45 1.64 -5.90
C GLY A 27 19.19 2.17 -7.12
N HIS A 28 19.95 1.29 -7.76
N HIS A 28 19.93 1.29 -7.78
CA HIS A 28 20.70 1.64 -8.96
CA HIS A 28 20.68 1.65 -8.98
C HIS A 28 20.54 0.54 -10.00
C HIS A 28 20.53 0.56 -10.02
N PHE A 29 19.30 0.14 -10.25
CA PHE A 29 19.01 -0.97 -11.13
C PHE A 29 18.70 -0.52 -12.55
N SER A 30 18.57 -1.50 -13.43
CA SER A 30 18.59 -1.34 -14.88
C SER A 30 17.31 -0.71 -15.40
N PRO A 31 17.24 -0.44 -16.71
CA PRO A 31 15.98 0.06 -17.29
C PRO A 31 15.05 -1.06 -17.72
N GLU A 32 15.59 -2.26 -17.89
CA GLU A 32 14.77 -3.40 -18.28
C GLU A 32 13.57 -3.52 -17.36
N ARG A 33 12.42 -3.83 -17.95
CA ARG A 33 11.19 -4.05 -17.21
C ARG A 33 10.59 -5.36 -17.68
N PRO A 34 10.27 -6.30 -16.77
CA PRO A 34 10.43 -6.15 -15.32
C PRO A 34 11.87 -6.15 -14.87
N PHE A 35 12.14 -5.56 -13.70
CA PHE A 35 13.41 -5.72 -13.01
C PHE A 35 13.14 -6.37 -11.66
N MET A 36 13.97 -7.36 -11.31
CA MET A 36 13.81 -8.07 -10.05
C MET A 36 15.13 -8.11 -9.30
N ASP A 37 15.01 -8.22 -7.98
CA ASP A 37 16.15 -8.27 -7.07
C ASP A 37 15.70 -9.04 -5.84
N TYR A 38 16.66 -9.61 -5.12
CA TYR A 38 16.38 -10.52 -4.02
C TYR A 38 17.27 -10.18 -2.84
N PHE A 39 16.67 -10.20 -1.66
CA PHE A 39 17.39 -9.88 -0.42
C PHE A 39 16.61 -10.49 0.74
N ASP A 40 17.09 -10.23 1.95
CA ASP A 40 16.42 -10.65 3.17
C ASP A 40 16.12 -9.41 4.01
N GLY A 41 15.11 -9.53 4.87
CA GLY A 41 14.77 -8.43 5.75
C GLY A 41 13.67 -8.79 6.70
N VAL A 42 13.29 -7.79 7.50
CA VAL A 42 12.15 -7.86 8.39
C VAL A 42 11.09 -6.91 7.87
N LEU A 43 9.84 -7.37 7.87
CA LEU A 43 8.73 -6.54 7.43
C LEU A 43 7.83 -6.20 8.60
N MET A 44 7.26 -5.01 8.55
N MET A 44 7.27 -5.00 8.55
CA MET A 44 6.26 -4.58 9.52
CA MET A 44 6.26 -4.56 9.51
C MET A 44 5.04 -4.06 8.78
C MET A 44 5.05 -4.08 8.75
N PHE A 45 3.87 -4.60 9.12
CA PHE A 45 2.60 -4.16 8.56
C PHE A 45 1.78 -3.60 9.71
N VAL A 46 1.49 -2.30 9.64
CA VAL A 46 0.70 -1.62 10.66
C VAL A 46 -0.69 -1.38 10.09
N ASP A 47 -1.68 -2.08 10.63
CA ASP A 47 -3.07 -1.84 10.26
C ASP A 47 -3.59 -0.64 11.03
N ILE A 48 -4.10 0.35 10.31
CA ILE A 48 -4.52 1.61 10.89
C ILE A 48 -6.01 1.86 10.66
N SER A 49 -6.76 0.83 10.28
CA SER A 49 -8.21 0.96 10.28
C SER A 49 -8.71 1.15 11.72
N GLY A 50 -9.99 1.47 11.84
CA GLY A 50 -10.51 2.00 13.09
C GLY A 50 -10.22 3.49 13.14
N PHE A 51 -9.00 3.85 12.71
CA PHE A 51 -8.62 5.24 12.53
C PHE A 51 -9.00 5.77 11.16
N THR A 52 -9.15 4.89 10.16
CA THR A 52 -9.61 5.27 8.84
C THR A 52 -11.00 4.72 8.55
N ALA A 53 -11.67 4.20 9.58
CA ALA A 53 -13.11 3.96 9.51
C ALA A 53 -13.89 5.22 9.85
N MET A 54 -13.25 6.19 10.50
CA MET A 54 -13.90 7.46 10.79
C MET A 54 -14.31 8.18 9.52
N THR A 55 -13.68 7.87 8.39
CA THR A 55 -13.86 8.59 7.14
C THR A 55 -15.33 8.92 6.90
N GLU A 56 -16.23 8.04 7.33
CA GLU A 56 -17.65 8.30 7.17
C GLU A 56 -18.12 9.43 8.07
N LYS A 57 -17.57 9.55 9.28
CA LYS A 57 -17.94 10.66 10.15
C LYS A 57 -17.63 11.99 9.48
N PHE A 58 -16.42 12.12 8.93
CA PHE A 58 -16.00 13.41 8.38
C PHE A 58 -16.72 13.79 7.10
N SER A 59 -17.48 12.88 6.50
CA SER A 59 -18.35 13.25 5.39
C SER A 59 -19.64 13.92 5.87
N SER A 60 -19.87 13.95 7.18
CA SER A 60 -21.09 14.52 7.73
C SER A 60 -21.12 16.05 7.57
N ALA A 61 -22.34 16.59 7.54
CA ALA A 61 -22.50 18.03 7.43
C ALA A 61 -21.96 18.77 8.65
N MET A 62 -21.67 18.06 9.75
CA MET A 62 -21.11 18.72 10.92
C MET A 62 -19.76 19.37 10.61
N TYR A 63 -19.01 18.82 9.65
CA TYR A 63 -17.69 19.33 9.33
C TYR A 63 -17.73 20.46 8.30
N MET A 64 -18.92 20.93 7.96
CA MET A 64 -19.12 22.20 7.27
C MET A 64 -18.19 22.36 6.07
N ASP A 65 -18.17 21.34 5.23
CA ASP A 65 -17.45 21.35 3.94
C ASP A 65 -15.94 21.32 4.12
N ARG A 66 -15.42 21.21 5.34
CA ARG A 66 -14.00 21.00 5.58
C ARG A 66 -13.73 19.59 6.10
N GLY A 67 -14.57 18.64 5.72
CA GLY A 67 -14.37 17.27 6.17
C GLY A 67 -13.06 16.68 5.68
N ALA A 68 -12.76 16.85 4.38
CA ALA A 68 -11.52 16.33 3.83
C ALA A 68 -10.31 16.92 4.52
N GLU A 69 -10.32 18.24 4.73
CA GLU A 69 -9.20 18.92 5.36
C GLU A 69 -9.04 18.48 6.81
N GLN A 70 -10.15 18.33 7.52
CA GLN A 70 -10.10 17.86 8.90
C GLN A 70 -9.63 16.43 8.97
N LEU A 71 -10.08 15.58 8.03
CA LEU A 71 -9.69 14.18 8.05
C LEU A 71 -8.20 14.02 7.80
N VAL A 72 -7.69 14.66 6.75
N VAL A 72 -7.68 14.67 6.75
CA VAL A 72 -6.26 14.58 6.43
CA VAL A 72 -6.27 14.55 6.44
C VAL A 72 -5.45 15.07 7.61
C VAL A 72 -5.43 15.06 7.61
N GLU A 73 -5.90 16.12 8.29
CA GLU A 73 -5.16 16.68 9.40
C GLU A 73 -5.06 15.69 10.55
N ILE A 74 -6.20 15.19 11.01
CA ILE A 74 -6.18 14.30 12.16
C ILE A 74 -5.52 12.97 11.80
N LEU A 75 -5.70 12.51 10.56
CA LEU A 75 -5.08 11.25 10.16
C LEU A 75 -3.57 11.39 10.07
N ASN A 76 -3.08 12.49 9.53
CA ASN A 76 -1.64 12.67 9.44
C ASN A 76 -1.02 12.93 10.80
N TYR A 77 -1.77 13.52 11.73
CA TYR A 77 -1.28 13.66 13.10
C TYR A 77 -0.82 12.32 13.64
N HIS A 78 -1.62 11.29 13.43
CA HIS A 78 -1.35 9.98 13.99
C HIS A 78 -0.36 9.18 13.13
N ILE A 79 -0.59 9.15 11.81
CA ILE A 79 0.28 8.36 10.95
C ILE A 79 1.70 8.90 10.97
N SER A 80 1.86 10.24 11.00
CA SER A 80 3.21 10.79 11.00
C SER A 80 3.96 10.39 12.26
N ALA A 81 3.25 10.19 13.38
CA ALA A 81 3.91 9.69 14.57
C ALA A 81 4.36 8.24 14.40
N ILE A 82 3.53 7.42 13.74
CA ILE A 82 3.96 6.06 13.43
C ILE A 82 5.19 6.11 12.52
N VAL A 83 5.15 6.95 11.50
CA VAL A 83 6.25 7.03 10.54
C VAL A 83 7.54 7.45 11.22
N GLU A 84 7.47 8.41 12.16
CA GLU A 84 8.66 8.84 12.88
C GLU A 84 9.29 7.67 13.63
N LYS A 85 8.46 6.88 14.33
CA LYS A 85 8.97 5.73 15.06
C LYS A 85 9.70 4.77 14.12
N VAL A 86 9.04 4.41 13.02
CA VAL A 86 9.67 3.51 12.05
C VAL A 86 11.01 4.07 11.61
N LEU A 87 11.02 5.32 11.18
CA LEU A 87 12.23 5.90 10.62
C LEU A 87 13.34 5.96 11.66
N ILE A 88 13.00 6.35 12.89
CA ILE A 88 13.99 6.46 13.95
C ILE A 88 14.59 5.10 14.31
N PHE A 89 13.81 4.03 14.18
CA PHE A 89 14.32 2.68 14.41
C PHE A 89 14.98 2.10 13.17
N GLY A 90 15.17 2.93 12.14
CA GLY A 90 15.90 2.52 10.95
C GLY A 90 15.07 1.87 9.86
N GLY A 91 13.74 1.92 9.95
CA GLY A 91 12.92 1.29 8.94
C GLY A 91 12.76 2.13 7.69
N ASP A 92 12.39 1.44 6.62
CA ASP A 92 12.06 2.05 5.33
C ASP A 92 10.58 1.81 5.08
N ILE A 93 9.78 2.87 5.09
CA ILE A 93 8.35 2.74 4.80
C ILE A 93 8.20 2.55 3.29
N LEU A 94 7.67 1.39 2.90
CA LEU A 94 7.59 1.06 1.49
C LEU A 94 6.38 1.70 0.82
N LYS A 95 5.20 1.55 1.41
CA LYS A 95 3.99 2.07 0.80
C LYS A 95 2.96 2.41 1.87
N PHE A 96 2.08 3.35 1.55
CA PHE A 96 0.93 3.69 2.36
C PHE A 96 -0.34 3.21 1.67
N ALA A 97 -1.31 2.79 2.48
CA ALA A 97 -2.68 2.61 2.01
C ALA A 97 -3.60 3.20 3.07
N GLY A 98 -4.86 3.44 2.69
CA GLY A 98 -5.83 3.89 3.66
C GLY A 98 -5.81 3.06 4.93
N ASP A 99 -5.78 1.74 4.80
CA ASP A 99 -5.90 0.87 5.94
C ASP A 99 -4.57 0.52 6.61
N ALA A 100 -3.42 0.83 6.01
CA ALA A 100 -2.17 0.41 6.63
C ALA A 100 -0.95 1.09 6.00
N LEU A 101 0.22 0.73 6.52
CA LEU A 101 1.50 1.00 5.89
C LEU A 101 2.40 -0.22 6.10
N LEU A 102 3.26 -0.45 5.12
CA LEU A 102 4.22 -1.57 5.15
C LEU A 102 5.63 -1.00 5.21
N ALA A 103 6.43 -1.54 6.12
CA ALA A 103 7.78 -1.06 6.34
C ALA A 103 8.76 -2.22 6.27
N LEU A 104 10.00 -1.89 5.90
CA LEU A 104 11.02 -2.89 5.64
C LEU A 104 12.35 -2.53 6.31
N TRP A 105 12.94 -3.51 6.98
CA TRP A 105 14.31 -3.45 7.47
C TRP A 105 15.10 -4.46 6.65
N ARG A 106 15.85 -3.99 5.65
CA ARG A 106 16.63 -4.86 4.79
C ARG A 106 18.04 -5.00 5.36
N VAL A 107 18.47 -6.25 5.57
CA VAL A 107 19.77 -6.55 6.16
C VAL A 107 20.27 -7.90 5.64
N GLU A 108 21.53 -8.19 5.94
CA GLU A 108 22.10 -9.51 5.67
C GLU A 108 21.44 -10.57 6.54
N ARG A 109 21.45 -11.81 6.05
CA ARG A 109 20.78 -12.90 6.75
C ARG A 109 21.31 -13.06 8.17
N LYS A 110 22.61 -12.85 8.37
CA LYS A 110 23.21 -13.08 9.68
C LYS A 110 22.73 -12.06 10.71
N GLN A 111 22.16 -10.94 10.27
CA GLN A 111 21.71 -9.90 11.19
C GLN A 111 20.21 -9.92 11.42
N LEU A 112 19.49 -10.85 10.80
CA LEU A 112 18.05 -10.86 10.97
C LEU A 112 17.66 -11.02 12.44
N LYS A 113 18.44 -11.81 13.20
CA LYS A 113 18.09 -12.05 14.59
C LYS A 113 18.06 -10.75 15.39
N ASN A 114 19.10 -9.93 15.25
CA ASN A 114 19.19 -8.71 16.05
C ASN A 114 18.17 -7.68 15.56
N ILE A 115 17.91 -7.63 14.26
CA ILE A 115 17.02 -6.61 13.75
C ILE A 115 15.58 -6.88 14.17
N ILE A 116 15.20 -8.16 14.25
CA ILE A 116 13.87 -8.51 14.74
C ILE A 116 13.63 -7.89 16.11
N THR A 117 14.65 -7.92 16.97
CA THR A 117 14.51 -7.29 18.29
C THR A 117 14.33 -5.79 18.17
N VAL A 118 15.10 -5.15 17.28
CA VAL A 118 14.90 -3.73 17.02
C VAL A 118 13.46 -3.48 16.56
N VAL A 119 12.98 -4.30 15.63
CA VAL A 119 11.65 -4.07 15.06
C VAL A 119 10.56 -4.35 16.08
N ILE A 120 10.76 -5.32 16.96
CA ILE A 120 9.79 -5.57 18.02
C ILE A 120 9.73 -4.40 18.98
N LYS A 121 10.90 -3.88 19.39
CA LYS A 121 10.92 -2.68 20.22
C LYS A 121 10.19 -1.53 19.52
N CYS A 122 10.48 -1.31 18.25
CA CYS A 122 9.76 -0.29 17.48
C CYS A 122 8.25 -0.52 17.56
N SER A 123 7.82 -1.76 17.29
CA SER A 123 6.38 -2.05 17.25
C SER A 123 5.71 -1.71 18.58
N LEU A 124 6.39 -2.00 19.69
CA LEU A 124 5.79 -1.73 20.99
C LEU A 124 5.81 -0.25 21.32
N GLU A 125 6.84 0.48 20.90
CA GLU A 125 6.81 1.93 21.05
C GLU A 125 5.72 2.54 20.18
N ILE A 126 5.34 1.88 19.09
CA ILE A 126 4.24 2.38 18.27
C ILE A 126 2.92 2.23 19.03
N HIS A 127 2.70 1.07 19.63
CA HIS A 127 1.52 0.91 20.47
C HIS A 127 1.54 1.88 21.63
N GLY A 128 2.73 2.20 22.16
CA GLY A 128 2.83 3.15 23.25
C GLY A 128 2.30 4.53 22.88
N LEU A 129 2.36 4.88 21.59
N LEU A 129 2.35 4.87 21.60
CA LEU A 129 1.84 6.18 21.17
CA LEU A 129 1.84 6.18 21.17
C LEU A 129 0.34 6.29 21.38
C LEU A 129 0.33 6.29 21.37
N PHE A 130 -0.37 5.17 21.46
CA PHE A 130 -1.84 5.16 21.50
C PHE A 130 -2.36 4.54 22.79
N GLU A 131 -1.76 4.89 23.92
CA GLU A 131 -2.23 4.43 25.22
C GLU A 131 -3.14 5.43 25.91
N THR A 132 -3.77 6.32 25.16
CA THR A 132 -4.70 7.30 25.73
C THR A 132 -5.82 7.60 24.73
N ILE A 141 -8.02 5.61 19.57
CA ILE A 141 -7.95 4.51 18.62
C ILE A 141 -6.58 3.84 18.74
N ARG A 142 -6.49 2.60 18.27
CA ARG A 142 -5.31 1.77 18.40
C ARG A 142 -4.93 1.19 17.04
N VAL A 143 -3.83 0.44 17.03
CA VAL A 143 -3.28 -0.12 15.80
C VAL A 143 -3.06 -1.62 16.01
N LYS A 144 -2.81 -2.32 14.91
CA LYS A 144 -2.50 -3.74 14.91
C LYS A 144 -1.25 -3.95 14.07
N ILE A 145 -0.30 -4.73 14.57
CA ILE A 145 1.01 -4.86 13.95
C ILE A 145 1.31 -6.33 13.68
N GLY A 146 1.71 -6.63 12.46
CA GLY A 146 2.26 -7.93 12.11
C GLY A 146 3.71 -7.79 11.68
N LEU A 147 4.53 -8.77 12.05
CA LEU A 147 5.94 -8.79 11.69
C LEU A 147 6.27 -10.11 11.02
N ALA A 148 7.20 -10.05 10.07
CA ALA A 148 7.69 -11.25 9.40
C ALA A 148 9.15 -11.04 9.04
N ALA A 149 9.83 -12.14 8.75
CA ALA A 149 11.25 -12.10 8.39
C ALA A 149 11.57 -13.25 7.47
N GLY A 150 12.45 -13.00 6.51
CA GLY A 150 12.89 -14.04 5.60
C GLY A 150 13.25 -13.44 4.26
N HIS A 151 13.20 -14.29 3.23
CA HIS A 151 13.58 -13.87 1.89
C HIS A 151 12.52 -12.94 1.30
N ILE A 152 12.98 -11.96 0.54
CA ILE A 152 12.09 -10.98 -0.08
C ILE A 152 12.56 -10.74 -1.50
N SER A 153 11.63 -10.73 -2.44
CA SER A 153 11.88 -10.40 -3.83
C SER A 153 11.22 -9.07 -4.15
N MET A 154 11.95 -8.18 -4.80
CA MET A 154 11.41 -6.91 -5.25
C MET A 154 11.18 -6.96 -6.75
N LEU A 155 10.04 -6.41 -7.18
CA LEU A 155 9.68 -6.35 -8.58
C LEU A 155 9.47 -4.89 -8.96
N VAL A 156 10.13 -4.45 -10.02
CA VAL A 156 9.90 -3.15 -10.62
C VAL A 156 9.37 -3.38 -12.02
N PHE A 157 8.21 -2.81 -12.31
CA PHE A 157 7.62 -2.89 -13.64
C PHE A 157 7.14 -1.50 -14.04
N GLY A 158 6.88 -1.35 -15.32
CA GLY A 158 6.39 -0.10 -15.84
C GLY A 158 6.83 0.07 -17.28
N ASP A 159 6.55 1.25 -17.80
CA ASP A 159 6.91 1.63 -19.16
C ASP A 159 7.92 2.77 -19.08
N GLU A 160 8.17 3.41 -20.22
CA GLU A 160 9.21 4.43 -20.32
C GLU A 160 8.89 5.69 -19.52
N THR A 161 7.63 5.89 -19.12
CA THR A 161 7.23 7.10 -18.41
C THR A 161 6.81 6.87 -16.97
N HIS A 162 6.50 5.63 -16.58
CA HIS A 162 5.97 5.34 -15.26
C HIS A 162 6.61 4.06 -14.73
N SER A 163 6.76 4.01 -13.41
CA SER A 163 7.34 2.84 -12.76
C SER A 163 6.54 2.52 -11.51
N HIS A 164 6.45 1.22 -11.22
CA HIS A 164 5.78 0.73 -10.02
C HIS A 164 6.66 -0.35 -9.41
N PHE A 165 6.49 -0.60 -8.12
CA PHE A 165 7.26 -1.65 -7.48
C PHE A 165 6.40 -2.42 -6.48
N LEU A 166 6.87 -3.63 -6.18
CA LEU A 166 6.25 -4.50 -5.20
C LEU A 166 7.36 -5.28 -4.51
N VAL A 167 7.05 -5.76 -3.31
CA VAL A 167 7.83 -6.82 -2.68
C VAL A 167 6.99 -8.09 -2.73
N ILE A 168 7.67 -9.22 -2.91
CA ILE A 168 7.04 -10.50 -3.18
C ILE A 168 7.76 -11.57 -2.38
N GLY A 169 7.03 -12.63 -2.04
CA GLY A 169 7.60 -13.76 -1.33
C GLY A 169 6.80 -14.10 -0.08
N GLN A 170 7.17 -15.24 0.51
CA GLN A 170 6.40 -15.72 1.64
C GLN A 170 6.62 -14.84 2.87
N ALA A 171 7.80 -14.24 3.02
CA ALA A 171 7.97 -13.24 4.06
C ALA A 171 6.92 -12.15 3.92
N VAL A 172 6.57 -11.79 2.68
CA VAL A 172 5.49 -10.85 2.44
C VAL A 172 4.14 -11.49 2.77
N ASP A 173 3.91 -12.71 2.26
CA ASP A 173 2.68 -13.41 2.62
C ASP A 173 2.62 -13.66 4.11
N ASP A 174 3.77 -13.88 4.75
CA ASP A 174 3.80 -14.10 6.20
C ASP A 174 3.27 -12.89 6.96
N VAL A 175 3.72 -11.69 6.58
CA VAL A 175 3.28 -10.50 7.29
C VAL A 175 1.79 -10.27 7.01
N ARG A 176 1.32 -10.71 5.84
CA ARG A 176 -0.12 -10.73 5.55
C ARG A 176 -0.88 -11.42 6.66
N LEU A 177 -0.60 -12.71 6.86
CA LEU A 177 -1.38 -13.51 7.78
C LEU A 177 -1.15 -13.09 9.22
N ALA A 178 0.10 -12.78 9.58
CA ALA A 178 0.37 -12.25 10.92
C ALA A 178 -0.52 -11.05 11.22
N GLN A 179 -0.71 -10.17 10.23
CA GLN A 179 -1.57 -9.01 10.43
C GLN A 179 -3.03 -9.44 10.59
N ASN A 180 -3.49 -10.39 9.78
CA ASN A 180 -4.91 -10.75 9.83
C ASN A 180 -5.28 -11.36 11.17
N MET A 181 -4.34 -12.02 11.85
CA MET A 181 -4.64 -12.58 13.16
C MET A 181 -4.68 -11.52 14.25
N ALA A 182 -4.03 -10.38 14.05
CA ALA A 182 -3.83 -9.43 15.12
C ALA A 182 -5.15 -8.81 15.57
N GLN A 183 -5.18 -8.42 16.84
CA GLN A 183 -6.24 -7.61 17.41
C GLN A 183 -5.62 -6.36 18.02
N MET A 184 -6.45 -5.39 18.39
CA MET A 184 -5.95 -4.10 18.86
C MET A 184 -4.83 -4.31 19.87
N ASN A 185 -3.72 -3.60 19.65
CA ASN A 185 -2.54 -3.56 20.52
C ASN A 185 -1.67 -4.80 20.40
N ASP A 186 -1.93 -5.68 19.44
CA ASP A 186 -1.15 -6.91 19.32
C ASP A 186 0.15 -6.65 18.54
N VAL A 187 1.12 -7.53 18.76
CA VAL A 187 2.28 -7.67 17.89
C VAL A 187 2.41 -9.15 17.60
N ILE A 188 2.08 -9.56 16.39
CA ILE A 188 2.10 -10.95 15.98
C ILE A 188 3.32 -11.17 15.10
N LEU A 189 4.08 -12.23 15.40
CA LEU A 189 5.24 -12.60 14.63
C LEU A 189 4.94 -13.84 13.78
N SER A 190 5.30 -13.78 12.50
CA SER A 190 5.15 -14.92 11.62
C SER A 190 5.91 -16.12 12.17
N PRO A 191 5.56 -17.33 11.74
CA PRO A 191 6.31 -18.51 12.20
C PRO A 191 7.81 -18.40 11.94
N ASN A 192 8.21 -17.97 10.74
CA ASN A 192 9.63 -17.88 10.44
C ASN A 192 10.30 -16.77 11.22
N CYS A 193 9.58 -15.70 11.53
CA CYS A 193 10.13 -14.64 12.37
C CYS A 193 10.40 -15.17 13.77
N TRP A 194 9.41 -15.84 14.37
CA TRP A 194 9.60 -16.46 15.67
C TRP A 194 10.74 -17.46 15.65
N GLN A 195 10.91 -18.18 14.55
CA GLN A 195 11.98 -19.17 14.46
C GLN A 195 13.35 -18.52 14.40
N LEU A 196 13.45 -17.37 13.75
CA LEU A 196 14.74 -16.70 13.62
C LEU A 196 14.99 -15.66 14.69
N CYS A 197 14.00 -15.34 15.51
CA CYS A 197 14.14 -14.28 16.50
C CYS A 197 15.00 -14.77 17.67
N ASP A 198 15.39 -13.81 18.52
CA ASP A 198 16.16 -14.09 19.73
C ASP A 198 15.17 -14.43 20.83
N ARG A 199 14.80 -15.72 20.91
CA ARG A 199 13.83 -16.15 21.92
C ARG A 199 14.36 -15.95 23.33
N SER A 200 15.67 -15.75 23.48
CA SER A 200 16.22 -15.38 24.78
C SER A 200 15.55 -14.13 25.34
N MET A 201 15.01 -13.27 24.46
CA MET A 201 14.56 -11.95 24.84
C MET A 201 13.07 -11.73 24.67
N ILE A 202 12.39 -12.58 23.92
CA ILE A 202 11.02 -12.33 23.47
C ILE A 202 10.11 -13.34 24.14
N GLU A 203 9.22 -12.86 25.01
CA GLU A 203 8.24 -13.71 25.67
C GLU A 203 6.96 -13.70 24.84
N ILE A 204 6.53 -14.89 24.41
CA ILE A 204 5.41 -15.00 23.50
C ILE A 204 4.28 -15.81 24.14
N GLU A 205 3.18 -15.97 23.41
CA GLU A 205 2.11 -16.87 23.79
C GLU A 205 1.54 -17.48 22.51
N SER A 206 1.03 -18.69 22.64
CA SER A 206 0.45 -19.38 21.49
C SER A 206 -0.73 -18.60 20.93
N VAL A 207 -0.99 -18.79 19.64
CA VAL A 207 -2.20 -18.33 18.98
C VAL A 207 -2.90 -19.58 18.46
N PRO A 208 -4.13 -19.87 18.88
CA PRO A 208 -4.70 -21.20 18.65
C PRO A 208 -4.67 -21.64 17.20
N ASP A 209 -4.38 -22.93 16.99
CA ASP A 209 -4.33 -23.56 15.67
C ASP A 209 -3.63 -22.66 14.67
N GLN A 210 -2.58 -21.97 15.11
CA GLN A 210 -1.77 -21.11 14.26
C GLN A 210 -0.37 -21.10 14.85
N ARG A 211 0.63 -21.41 14.03
CA ARG A 211 1.99 -21.49 14.52
C ARG A 211 2.62 -20.11 14.71
N ALA A 212 1.99 -19.04 14.21
CA ALA A 212 2.42 -17.69 14.54
C ALA A 212 2.17 -17.44 16.02
N VAL A 213 2.84 -16.41 16.55
CA VAL A 213 2.80 -16.14 17.98
C VAL A 213 2.58 -14.66 18.23
N LYS A 214 2.02 -14.36 19.40
CA LYS A 214 1.81 -13.01 19.88
C LYS A 214 2.89 -12.66 20.88
N VAL A 215 3.44 -11.46 20.76
CA VAL A 215 4.46 -10.99 21.68
C VAL A 215 3.78 -10.38 22.90
N ASN A 216 4.21 -10.80 24.09
CA ASN A 216 3.72 -10.21 25.32
C ASN A 216 4.71 -9.20 25.90
N PHE A 217 5.96 -9.61 26.10
CA PHE A 217 6.98 -8.73 26.65
C PHE A 217 8.29 -8.96 25.92
N LEU A 218 9.13 -7.92 25.95
CA LEU A 218 10.52 -7.99 25.48
C LEU A 218 11.39 -7.71 26.70
N LYS A 219 11.73 -8.75 27.44
CA LYS A 219 12.53 -8.60 28.65
C LYS A 219 13.95 -9.03 28.36
N PRO A 220 14.92 -8.12 28.29
CA PRO A 220 16.28 -8.50 27.86
C PRO A 220 17.11 -8.97 29.03
N PRO A 221 18.30 -9.52 28.76
CA PRO A 221 19.22 -9.91 29.85
C PRO A 221 19.52 -8.71 30.75
N PRO A 222 19.98 -8.96 31.97
CA PRO A 222 20.19 -7.83 32.90
C PRO A 222 21.20 -6.81 32.39
N ASN A 223 22.20 -7.24 31.62
CA ASN A 223 23.24 -6.34 31.14
C ASN A 223 22.85 -5.58 29.88
N PHE A 224 21.72 -5.93 29.26
CA PHE A 224 21.38 -5.42 27.94
C PHE A 224 21.00 -3.95 28.00
N ASN A 225 21.66 -3.13 27.17
CA ASN A 225 21.35 -1.71 27.03
C ASN A 225 20.88 -1.46 25.61
N PHE A 226 19.60 -1.14 25.44
CA PHE A 226 19.03 -1.15 24.10
C PHE A 226 19.69 -0.11 23.20
N ASP A 227 19.94 1.08 23.72
CA ASP A 227 20.47 2.15 22.88
C ASP A 227 21.83 1.77 22.32
N GLU A 228 22.72 1.25 23.17
CA GLU A 228 23.99 0.72 22.68
C GLU A 228 23.74 -0.40 21.67
N PHE A 229 22.82 -1.31 22.00
CA PHE A 229 22.47 -2.38 21.08
C PHE A 229 22.00 -1.82 19.74
N PHE A 230 21.11 -0.82 19.78
CA PHE A 230 20.62 -0.25 18.54
C PHE A 230 21.75 0.41 17.76
N THR A 231 22.61 1.18 18.44
CA THR A 231 23.72 1.82 17.75
C THR A 231 24.57 0.81 17.00
N LYS A 232 24.87 -0.32 17.63
CA LYS A 232 25.64 -1.35 16.92
C LYS A 232 24.86 -1.87 15.72
N CYS A 233 23.53 -1.99 15.86
CA CYS A 233 22.72 -2.46 14.75
C CYS A 233 22.74 -1.48 13.58
N THR A 234 22.82 -0.16 13.86
CA THR A 234 22.88 0.78 12.75
C THR A 234 24.12 0.54 11.88
N THR A 235 25.13 -0.13 12.41
CA THR A 235 26.32 -0.44 11.61
C THR A 235 25.96 -1.06 10.27
N PHE A 236 24.94 -1.92 10.27
CA PHE A 236 24.53 -2.66 9.09
C PHE A 236 23.37 -1.98 8.38
N MET A 237 22.90 -0.86 8.88
CA MET A 237 21.82 -0.14 8.20
C MET A 237 22.50 0.76 7.16
N HIS A 238 22.59 0.44 5.88
CA HIS A 238 23.35 1.29 4.91
C HIS A 238 22.98 2.79 4.94
N TYR A 239 21.71 3.14 5.08
CA TYR A 239 21.27 4.55 4.96
C TYR A 239 20.76 5.18 6.25
N TYR A 240 21.10 4.72 7.44
CA TYR A 240 20.69 5.42 8.64
C TYR A 240 21.42 6.75 8.74
N PRO A 241 20.71 7.84 9.00
CA PRO A 241 21.36 9.15 9.08
C PRO A 241 22.34 9.18 10.23
N SER A 242 23.55 9.66 9.95
CA SER A 242 24.59 9.67 10.97
C SER A 242 25.51 10.87 10.76
N GLY A 243 26.46 11.03 11.69
CA GLY A 243 27.47 12.06 11.53
C GLY A 243 26.85 13.42 11.59
N GLU A 244 27.21 14.25 10.61
CA GLU A 244 26.61 15.58 10.51
C GLU A 244 25.11 15.52 10.26
N HIS A 245 24.59 14.36 9.83
CA HIS A 245 23.17 14.21 9.55
C HIS A 245 22.45 13.36 10.58
N LYS A 246 23.03 13.22 11.78
CA LYS A 246 22.48 12.29 12.77
C LYS A 246 21.05 12.65 13.14
N ASN A 247 20.66 13.91 13.02
CA ASN A 247 19.35 14.36 13.45
C ASN A 247 18.38 14.55 12.30
N LEU A 248 18.66 13.97 11.13
CA LEU A 248 17.70 13.92 10.05
C LEU A 248 16.92 12.61 10.12
N LEU A 249 15.64 12.67 9.76
CA LEU A 249 14.81 11.47 9.77
C LEU A 249 15.10 10.58 8.57
N ARG A 250 15.49 11.16 7.44
CA ARG A 250 15.85 10.41 6.25
C ARG A 250 17.08 11.03 5.62
N LEU A 251 17.97 10.17 5.12
CA LEU A 251 19.08 10.65 4.29
C LEU A 251 18.58 11.24 2.99
N ALA A 252 17.40 10.83 2.53
CA ALA A 252 16.79 11.35 1.32
C ALA A 252 16.66 12.87 1.36
N THR A 254 18.79 14.82 2.14
CA THR A 254 20.05 15.43 1.75
C THR A 254 20.34 15.33 0.26
N LEU A 255 19.44 14.71 -0.50
CA LEU A 255 19.68 14.52 -1.92
C LEU A 255 19.89 15.86 -2.61
N LYS A 256 20.83 15.90 -3.55
CA LYS A 256 21.09 17.09 -4.33
C LYS A 256 20.63 16.92 -5.77
N PRO A 257 20.43 18.02 -6.50
CA PRO A 257 19.96 17.91 -7.89
C PRO A 257 20.83 16.96 -8.71
N ASP A 258 20.15 16.14 -9.49
CA ASP A 258 20.76 15.08 -10.30
C ASP A 258 19.74 14.77 -11.39
N PRO A 259 19.83 15.41 -12.56
CA PRO A 259 18.78 15.21 -13.58
C PRO A 259 18.48 13.75 -13.89
N GLU A 260 19.50 12.91 -13.98
CA GLU A 260 19.29 11.51 -14.34
C GLU A 260 18.54 10.76 -13.25
N LEU A 261 18.89 11.01 -11.98
CA LEU A 261 18.17 10.36 -10.89
C LEU A 261 16.75 10.88 -10.78
N GLU A 262 16.55 12.18 -10.93
CA GLU A 262 15.19 12.71 -10.81
C GLU A 262 14.30 12.17 -11.92
N MET A 263 14.84 12.05 -13.14
CA MET A 263 14.06 11.49 -14.24
C MET A 263 13.56 10.10 -13.89
N SER A 264 14.40 9.30 -13.27
CA SER A 264 13.99 7.96 -12.83
C SER A 264 12.96 8.04 -11.71
N LEU A 265 13.19 8.91 -10.72
CA LEU A 265 12.32 8.90 -9.55
C LEU A 265 10.93 9.43 -9.89
N GLN A 266 10.84 10.42 -10.77
CA GLN A 266 9.54 11.02 -11.05
C GLN A 266 8.60 10.06 -11.76
N LYS A 267 9.12 9.02 -12.40
CA LYS A 267 8.27 8.05 -13.05
C LYS A 267 7.38 7.31 -12.06
N TYR A 268 7.77 7.27 -10.77
CA TYR A 268 6.96 6.62 -9.76
C TYR A 268 5.84 7.49 -9.22
N VAL A 269 5.81 8.78 -9.57
CA VAL A 269 4.95 9.75 -8.93
C VAL A 269 3.90 10.25 -9.90
N MET A 270 2.67 10.38 -9.40
CA MET A 270 1.53 10.80 -10.19
C MET A 270 1.72 12.24 -10.67
N GLU A 271 1.28 12.50 -11.91
CA GLU A 271 1.51 13.80 -12.54
C GLU A 271 0.97 14.95 -11.70
N SER A 272 -0.20 14.77 -11.08
CA SER A 272 -0.77 15.85 -10.29
C SER A 272 0.06 16.14 -9.05
N ILE A 273 0.70 15.11 -8.47
CA ILE A 273 1.63 15.31 -7.37
C ILE A 273 2.80 16.16 -7.84
N LEU A 274 3.34 15.82 -9.01
CA LEU A 274 4.50 16.53 -9.54
C LEU A 274 4.17 18.01 -9.74
N LYS A 275 2.99 18.30 -10.28
CA LYS A 275 2.56 19.68 -10.43
C LYS A 275 2.64 20.41 -9.09
N GLN A 276 2.16 19.77 -8.03
CA GLN A 276 2.24 20.41 -6.73
C GLN A 276 3.69 20.51 -6.26
N ILE A 277 4.47 19.44 -6.45
CA ILE A 277 5.88 19.50 -6.10
C ILE A 277 6.57 20.67 -6.77
N ASP A 278 6.16 20.98 -8.00
CA ASP A 278 6.77 22.07 -8.77
C ASP A 278 6.15 23.42 -8.47
N ASN A 279 5.32 23.52 -7.43
CA ASN A 279 4.69 24.78 -7.04
C ASN A 279 3.92 25.38 -8.21
N LYS A 280 3.28 24.51 -8.99
CA LYS A 280 2.39 24.92 -10.06
C LYS A 280 0.94 24.58 -9.74
N GLN A 281 0.65 24.25 -8.49
CA GLN A 281 -0.68 23.90 -8.02
C GLN A 281 -0.72 24.16 -6.52
N LEU A 282 -1.84 24.68 -6.03
CA LEU A 282 -1.96 24.96 -4.60
C LEU A 282 -1.73 23.69 -3.80
N GLN A 283 -0.94 23.82 -2.73
CA GLN A 283 -0.49 22.67 -1.95
C GLN A 283 -1.63 21.94 -1.25
N GLY A 284 -2.85 22.48 -1.25
CA GLY A 284 -3.96 21.81 -0.60
C GLY A 284 -4.98 21.27 -1.57
N TYR A 285 -4.68 21.43 -2.86
CA TYR A 285 -5.63 21.08 -3.91
C TYR A 285 -6.03 19.61 -3.87
N LEU A 286 -5.16 18.73 -3.36
CA LEU A 286 -5.39 17.30 -3.45
C LEU A 286 -6.07 16.69 -2.23
N SER A 287 -6.29 17.48 -1.17
CA SER A 287 -7.11 17.02 -0.04
C SER A 287 -8.56 17.33 -0.37
N GLU A 288 -9.32 16.31 -0.75
CA GLU A 288 -10.72 16.57 -1.08
C GLU A 288 -11.57 15.33 -0.89
N LEU A 289 -12.86 15.57 -0.66
CA LEU A 289 -13.90 14.56 -0.73
C LEU A 289 -14.49 14.63 -2.13
N ARG A 290 -14.24 13.60 -2.94
CA ARG A 290 -14.46 13.64 -4.36
C ARG A 290 -15.30 12.46 -4.81
N PRO A 291 -16.28 12.67 -5.69
CA PRO A 291 -16.96 11.52 -6.31
C PRO A 291 -16.04 10.88 -7.33
N VAL A 292 -15.79 9.58 -7.18
CA VAL A 292 -14.92 8.84 -8.06
C VAL A 292 -15.52 7.46 -8.30
N THR A 293 -14.95 6.75 -9.28
CA THR A 293 -15.22 5.35 -9.50
C THR A 293 -13.93 4.58 -9.27
N ILE A 294 -13.99 3.59 -8.40
CA ILE A 294 -12.87 2.71 -8.10
C ILE A 294 -12.97 1.48 -8.97
N VAL A 295 -11.92 1.19 -9.72
CA VAL A 295 -11.80 -0.04 -10.50
C VAL A 295 -10.64 -0.82 -9.88
N PHE A 296 -10.96 -1.84 -9.11
CA PHE A 296 -9.96 -2.61 -8.37
C PHE A 296 -9.74 -3.93 -9.10
N VAL A 297 -8.56 -4.06 -9.71
CA VAL A 297 -8.22 -5.21 -10.54
C VAL A 297 -7.35 -6.16 -9.73
N ASN A 298 -7.69 -7.45 -9.74
CA ASN A 298 -6.87 -8.48 -9.11
C ASN A 298 -6.44 -9.52 -10.13
N LEU A 299 -5.13 -9.77 -10.19
CA LEU A 299 -4.55 -10.80 -11.04
C LEU A 299 -3.98 -11.88 -10.14
N MET A 300 -4.52 -13.09 -10.23
CA MET A 300 -4.07 -14.20 -9.41
C MET A 300 -3.18 -15.15 -10.21
N PHE A 301 -2.16 -15.66 -9.54
CA PHE A 301 -1.24 -16.64 -10.07
C PHE A 301 -1.30 -17.90 -9.19
N GLU A 302 -0.75 -19.00 -9.69
CA GLU A 302 -0.87 -20.26 -8.99
C GLU A 302 0.08 -20.28 -7.78
N ASP A 303 -0.25 -21.17 -6.83
CA ASP A 303 0.52 -21.26 -5.59
C ASP A 303 1.99 -21.50 -5.87
N GLN A 304 2.31 -22.39 -6.82
CA GLN A 304 3.70 -22.76 -7.08
C GLN A 304 4.45 -21.71 -7.89
N ASP A 305 3.76 -20.77 -8.53
CA ASP A 305 4.44 -19.79 -9.38
C ASP A 305 5.44 -18.99 -8.58
N LYS A 306 6.63 -18.81 -9.14
CA LYS A 306 7.71 -18.10 -8.48
C LYS A 306 7.93 -16.73 -9.12
N ALA A 307 8.59 -15.86 -8.36
CA ALA A 307 8.62 -14.44 -8.68
C ALA A 307 9.25 -14.14 -10.04
N GLU A 308 10.02 -15.06 -10.60
CA GLU A 308 10.64 -14.80 -11.89
C GLU A 308 9.68 -15.04 -13.05
N GLU A 309 8.61 -15.79 -12.82
CA GLU A 309 7.56 -15.99 -13.81
C GLU A 309 6.43 -14.97 -13.64
N ILE A 310 6.18 -14.56 -12.40
CA ILE A 310 5.15 -13.57 -12.12
C ILE A 310 5.54 -12.21 -12.70
N GLY A 311 6.81 -11.84 -12.58
CA GLY A 311 7.28 -10.54 -13.01
C GLY A 311 6.88 -10.20 -14.43
N PRO A 312 7.18 -11.10 -15.38
CA PRO A 312 6.82 -10.81 -16.77
C PRO A 312 5.32 -10.73 -17.00
N ALA A 313 4.54 -11.56 -16.30
CA ALA A 313 3.09 -11.50 -16.44
C ALA A 313 2.55 -10.15 -15.97
N ILE A 314 3.00 -9.68 -14.81
CA ILE A 314 2.55 -8.38 -14.31
C ILE A 314 2.95 -7.28 -15.29
N GLN A 315 4.18 -7.34 -15.81
CA GLN A 315 4.61 -6.37 -16.79
C GLN A 315 3.68 -6.34 -18.00
N ASP A 316 3.34 -7.51 -18.54
CA ASP A 316 2.48 -7.58 -19.70
C ASP A 316 1.08 -7.07 -19.37
N ALA A 317 0.57 -7.46 -18.19
CA ALA A 317 -0.72 -6.93 -17.76
C ALA A 317 -0.66 -5.42 -17.61
N TYR A 318 0.43 -4.91 -17.03
CA TYR A 318 0.51 -3.48 -16.79
C TYR A 318 0.51 -2.70 -18.09
N MET A 319 1.27 -3.17 -19.08
CA MET A 319 1.35 -2.45 -20.35
C MET A 319 -0.04 -2.26 -20.95
N HIS A 320 -0.89 -3.27 -20.85
CA HIS A 320 -2.25 -3.10 -21.37
C HIS A 320 -3.11 -2.25 -20.43
N ILE A 321 -3.00 -2.48 -19.11
CA ILE A 321 -3.81 -1.71 -18.18
C ILE A 321 -3.59 -0.22 -18.38
N THR A 322 -2.33 0.21 -18.39
CA THR A 322 -2.06 1.64 -18.53
C THR A 322 -2.58 2.17 -19.87
N SER A 323 -2.53 1.36 -20.92
CA SER A 323 -3.01 1.80 -22.23
C SER A 323 -4.51 2.09 -22.19
N VAL A 324 -5.28 1.20 -21.56
CA VAL A 324 -6.72 1.39 -21.48
C VAL A 324 -7.07 2.55 -20.55
N LEU A 325 -6.37 2.66 -19.41
CA LEU A 325 -6.68 3.74 -18.49
C LEU A 325 -6.44 5.10 -19.14
N LYS A 326 -5.37 5.21 -19.94
CA LYS A 326 -5.10 6.47 -20.63
C LYS A 326 -6.28 6.83 -21.53
N ILE A 327 -6.80 5.84 -22.26
CA ILE A 327 -7.94 6.08 -23.15
C ILE A 327 -9.12 6.60 -22.34
N PHE A 328 -9.59 5.80 -21.39
CA PHE A 328 -10.77 6.15 -20.59
C PHE A 328 -10.45 7.10 -19.44
N GLN A 329 -9.21 7.60 -19.37
CA GLN A 329 -8.84 8.67 -18.44
C GLN A 329 -8.95 8.22 -16.98
N GLY A 330 -8.22 7.14 -16.68
CA GLY A 330 -8.08 6.66 -15.33
C GLY A 330 -6.61 6.63 -14.91
N GLN A 331 -6.38 6.33 -13.64
CA GLN A 331 -5.04 6.35 -13.07
C GLN A 331 -4.87 5.21 -12.11
N ILE A 332 -3.63 4.70 -12.02
CA ILE A 332 -3.26 3.73 -11.01
C ILE A 332 -2.86 4.49 -9.75
N ASN A 333 -3.65 4.32 -8.68
CA ASN A 333 -3.32 4.92 -7.40
C ASN A 333 -2.36 4.05 -6.59
N LYS A 334 -2.53 2.73 -6.63
CA LYS A 334 -1.75 1.85 -5.79
C LYS A 334 -1.70 0.47 -6.42
N VAL A 335 -0.60 -0.23 -6.18
CA VAL A 335 -0.44 -1.63 -6.57
C VAL A 335 -0.03 -2.42 -5.35
N PHE A 336 -0.69 -3.56 -5.13
CA PHE A 336 -0.42 -4.43 -4.00
C PHE A 336 -0.23 -5.85 -4.49
N MET A 337 0.35 -6.69 -3.64
N MET A 337 0.36 -6.69 -3.63
CA MET A 337 0.46 -8.11 -3.94
CA MET A 337 0.47 -8.11 -3.93
C MET A 337 0.51 -8.90 -2.64
C MET A 337 0.49 -8.90 -2.62
N PHE A 338 -0.51 -9.74 -2.42
CA PHE A 338 -0.48 -10.72 -1.34
C PHE A 338 -1.45 -11.84 -1.72
N ASP A 339 -1.31 -12.98 -1.04
CA ASP A 339 -2.14 -14.15 -1.32
C ASP A 339 -2.06 -14.53 -2.80
N LYS A 340 -0.83 -14.45 -3.33
CA LYS A 340 -0.50 -14.74 -4.72
C LYS A 340 -1.32 -13.94 -5.72
N GLY A 341 -1.98 -12.87 -5.28
CA GLY A 341 -2.68 -11.99 -6.20
C GLY A 341 -2.12 -10.58 -6.23
N CYS A 342 -1.92 -10.06 -7.44
CA CYS A 342 -1.45 -8.68 -7.65
C CYS A 342 -2.64 -7.82 -8.02
N SER A 343 -2.90 -6.79 -7.23
CA SER A 343 -4.09 -5.96 -7.41
C SER A 343 -3.70 -4.55 -7.77
N PHE A 344 -4.49 -3.94 -8.67
CA PHE A 344 -4.29 -2.56 -9.10
C PHE A 344 -5.47 -1.72 -8.61
N LEU A 345 -5.20 -0.74 -7.77
CA LEU A 345 -6.23 0.18 -7.31
C LEU A 345 -6.31 1.32 -8.32
N CYS A 346 -7.30 1.28 -9.20
CA CYS A 346 -7.45 2.28 -10.24
C CYS A 346 -8.62 3.19 -9.92
N VAL A 347 -8.52 4.43 -10.37
CA VAL A 347 -9.46 5.48 -10.01
C VAL A 347 -9.79 6.31 -11.24
N PHE A 348 -11.07 6.61 -11.41
CA PHE A 348 -11.54 7.52 -12.45
C PHE A 348 -12.20 8.72 -11.80
N GLY A 349 -12.02 9.89 -12.42
CA GLY A 349 -12.52 11.11 -11.84
C GLY A 349 -11.60 11.70 -10.80
N PHE A 350 -10.32 11.44 -10.93
CA PHE A 350 -9.29 11.92 -10.02
C PHE A 350 -8.96 13.37 -10.39
N PRO A 351 -7.95 13.95 -9.73
CA PRO A 351 -7.66 15.38 -9.96
C PRO A 351 -7.85 15.86 -11.39
N GLY A 352 -8.74 16.83 -11.54
CA GLY A 352 -9.07 17.45 -12.82
C GLY A 352 -9.99 16.69 -13.74
N GLU A 353 -9.70 15.42 -13.99
CA GLU A 353 -10.32 14.68 -15.10
C GLU A 353 -11.55 13.92 -14.62
N LYS A 354 -12.71 14.59 -14.68
CA LYS A 354 -14.00 14.03 -14.30
C LYS A 354 -14.99 14.25 -15.43
N VAL A 355 -15.81 13.24 -15.66
CA VAL A 355 -16.76 13.19 -16.78
C VAL A 355 -18.11 12.75 -16.22
N PRO A 356 -19.21 13.05 -16.92
CA PRO A 356 -20.51 12.47 -16.54
C PRO A 356 -20.87 11.17 -17.27
N ASP A 357 -19.98 10.65 -18.11
CA ASP A 357 -20.06 9.30 -18.63
C ASP A 357 -18.98 8.40 -18.00
N GLU A 358 -18.46 8.83 -16.85
CA GLU A 358 -17.37 8.13 -16.18
C GLU A 358 -17.73 6.69 -15.83
N LEU A 359 -19.01 6.41 -15.61
CA LEU A 359 -19.40 5.08 -15.18
C LEU A 359 -19.31 4.08 -16.33
N THR A 360 -19.94 4.40 -17.46
CA THR A 360 -19.85 3.50 -18.61
C THR A 360 -18.39 3.31 -19.02
N HIS A 361 -17.60 4.37 -18.96
CA HIS A 361 -16.18 4.24 -19.30
C HIS A 361 -15.46 3.33 -18.32
N ALA A 362 -15.77 3.45 -17.02
CA ALA A 362 -15.11 2.60 -16.04
C ALA A 362 -15.45 1.14 -16.25
N LEU A 363 -16.72 0.85 -16.54
CA LEU A 363 -17.13 -0.52 -16.81
C LEU A 363 -16.48 -1.04 -18.09
N GLU A 364 -16.56 -0.27 -19.18
CA GLU A 364 -15.96 -0.72 -20.43
C GLU A 364 -14.46 -0.89 -20.28
N CYS A 365 -13.81 0.00 -19.54
CA CYS A 365 -12.39 -0.17 -19.25
C CYS A 365 -12.14 -1.44 -18.43
N ALA A 366 -12.98 -1.70 -17.43
CA ALA A 366 -12.86 -2.92 -16.66
C ALA A 366 -12.95 -4.15 -17.56
N MET A 367 -13.99 -4.21 -18.40
CA MET A 367 -14.17 -5.36 -19.27
C MET A 367 -12.98 -5.54 -20.21
N ASP A 368 -12.48 -4.43 -20.77
CA ASP A 368 -11.30 -4.51 -21.61
C ASP A 368 -10.10 -5.07 -20.84
N ILE A 369 -9.91 -4.63 -19.60
CA ILE A 369 -8.80 -5.15 -18.82
C ILE A 369 -9.05 -6.62 -18.47
N PHE A 370 -10.30 -6.96 -18.14
CA PHE A 370 -10.62 -8.36 -17.88
C PHE A 370 -10.30 -9.23 -19.08
N ASP A 371 -10.66 -8.78 -20.28
CA ASP A 371 -10.52 -9.63 -21.47
C ASP A 371 -9.04 -9.84 -21.79
N PHE A 372 -8.26 -8.76 -21.82
CA PHE A 372 -6.84 -8.91 -22.14
C PHE A 372 -6.13 -9.75 -21.10
N CYS A 373 -6.21 -9.34 -19.83
CA CYS A 373 -5.43 -9.98 -18.79
C CYS A 373 -5.76 -11.46 -18.65
N SER A 374 -7.01 -11.85 -18.86
CA SER A 374 -7.36 -13.26 -18.79
C SER A 374 -6.61 -14.08 -19.82
N GLN A 375 -6.12 -13.45 -20.88
CA GLN A 375 -5.35 -14.13 -21.91
C GLN A 375 -3.84 -14.06 -21.67
N VAL A 376 -3.39 -13.25 -20.71
CA VAL A 376 -1.97 -13.25 -20.38
C VAL A 376 -1.64 -14.57 -19.69
N HIS A 377 -0.57 -15.21 -20.15
CA HIS A 377 -0.28 -16.53 -19.62
C HIS A 377 0.43 -16.43 -18.28
N LYS A 378 0.19 -17.42 -17.44
CA LYS A 378 0.53 -17.55 -16.03
C LYS A 378 -0.43 -16.75 -15.14
N ILE A 379 -1.36 -15.97 -15.68
CA ILE A 379 -2.43 -15.38 -14.89
C ILE A 379 -3.59 -16.36 -14.89
N GLN A 380 -3.86 -16.97 -13.73
CA GLN A 380 -4.90 -17.99 -13.65
C GLN A 380 -6.29 -17.40 -13.56
N THR A 381 -6.44 -16.23 -12.95
CA THR A 381 -7.75 -15.64 -12.74
C THR A 381 -7.62 -14.12 -12.72
N VAL A 382 -8.57 -13.45 -13.35
CA VAL A 382 -8.70 -12.01 -13.28
C VAL A 382 -10.03 -11.68 -12.63
N SER A 383 -10.01 -10.72 -11.71
CA SER A 383 -11.23 -10.26 -11.04
C SER A 383 -11.16 -8.76 -10.87
N ILE A 384 -12.30 -8.09 -11.08
CA ILE A 384 -12.33 -6.63 -11.05
C ILE A 384 -13.59 -6.19 -10.32
N GLY A 385 -13.42 -5.41 -9.24
CA GLY A 385 -14.54 -4.81 -8.54
C GLY A 385 -14.63 -3.33 -8.85
N VAL A 386 -15.84 -2.87 -9.12
CA VAL A 386 -16.11 -1.50 -9.54
C VAL A 386 -17.12 -0.88 -8.58
N ALA A 387 -16.77 0.27 -8.01
CA ALA A 387 -17.63 0.97 -7.06
C ALA A 387 -17.46 2.47 -7.24
N SER A 388 -18.57 3.20 -7.12
CA SER A 388 -18.57 4.63 -7.32
C SER A 388 -19.18 5.33 -6.12
N GLY A 389 -18.62 6.47 -5.76
CA GLY A 389 -19.10 7.24 -4.64
C GLY A 389 -18.06 8.27 -4.21
N ILE A 390 -18.31 8.83 -3.04
CA ILE A 390 -17.44 9.85 -2.47
C ILE A 390 -16.32 9.16 -1.70
N VAL A 391 -15.09 9.51 -2.02
CA VAL A 391 -13.92 8.98 -1.34
C VAL A 391 -13.02 10.14 -0.99
N PHE A 392 -12.29 10.00 0.12
N PHE A 392 -12.29 10.00 0.12
CA PHE A 392 -11.30 10.99 0.50
CA PHE A 392 -11.28 10.97 0.49
C PHE A 392 -10.01 10.77 -0.29
C PHE A 392 -10.04 10.77 -0.35
N CYS A 393 -9.42 11.88 -0.75
CA CYS A 393 -8.16 11.87 -1.47
C CYS A 393 -7.23 12.83 -0.76
N GLY A 394 -5.97 12.45 -0.61
CA GLY A 394 -5.02 13.33 0.05
C GLY A 394 -3.66 12.67 0.18
N ILE A 395 -2.67 13.52 0.45
CA ILE A 395 -1.32 13.06 0.73
C ILE A 395 -1.24 12.69 2.20
N VAL A 396 -0.97 11.41 2.47
CA VAL A 396 -1.00 10.85 3.81
C VAL A 396 0.40 10.45 4.23
N GLY A 397 0.72 10.72 5.49
CA GLY A 397 2.01 10.33 6.03
C GLY A 397 2.70 11.44 6.78
N HIS A 398 4.02 11.44 6.70
CA HIS A 398 4.89 12.41 7.33
C HIS A 398 5.41 13.38 6.27
N THR A 399 5.78 14.58 6.72
CA THR A 399 6.42 15.54 5.84
C THR A 399 7.53 14.89 5.01
N VAL A 400 8.35 14.04 5.64
CA VAL A 400 9.50 13.50 4.93
C VAL A 400 9.18 12.19 4.22
N ARG A 401 8.00 11.63 4.44
CA ARG A 401 7.64 10.35 3.81
C ARG A 401 6.13 10.25 3.77
N HIS A 402 5.55 10.42 2.59
CA HIS A 402 4.10 10.47 2.43
C HIS A 402 3.72 10.00 1.04
N GLU A 403 2.44 9.74 0.84
CA GLU A 403 1.96 9.26 -0.44
C GLU A 403 0.52 9.69 -0.66
N TYR A 404 0.18 9.95 -1.92
CA TYR A 404 -1.20 10.17 -2.31
C TYR A 404 -1.99 8.87 -2.16
N THR A 405 -3.15 8.96 -1.50
N THR A 405 -3.13 8.96 -1.48
CA THR A 405 -3.92 7.77 -1.18
CA THR A 405 -3.93 7.80 -1.12
C THR A 405 -5.41 8.13 -1.22
C THR A 405 -5.41 8.14 -1.23
N VAL A 406 -6.22 7.11 -1.47
CA VAL A 406 -7.68 7.23 -1.47
C VAL A 406 -8.20 6.41 -0.31
N ILE A 407 -9.24 6.92 0.36
CA ILE A 407 -9.80 6.28 1.54
C ILE A 407 -11.31 6.38 1.48
N GLY A 408 -12.00 5.28 1.74
CA GLY A 408 -13.44 5.37 1.88
C GLY A 408 -14.13 4.03 1.74
N GLN A 409 -15.44 4.09 1.93
CA GLN A 409 -16.30 2.91 1.88
C GLN A 409 -16.19 2.22 0.53
N LYS A 410 -16.20 2.98 -0.56
CA LYS A 410 -16.24 2.40 -1.89
C LYS A 410 -14.90 1.82 -2.30
N VAL A 411 -13.81 2.32 -1.73
CA VAL A 411 -12.51 1.67 -1.93
C VAL A 411 -12.53 0.26 -1.36
N ASN A 412 -12.98 0.13 -0.11
CA ASN A 412 -13.02 -1.18 0.53
C ASN A 412 -14.03 -2.09 -0.17
N LEU A 413 -15.16 -1.54 -0.61
CA LEU A 413 -16.15 -2.34 -1.29
C LEU A 413 -15.59 -2.94 -2.57
N ALA A 414 -14.97 -2.10 -3.41
CA ALA A 414 -14.35 -2.62 -4.63
C ALA A 414 -13.37 -3.72 -4.30
N ALA A 415 -12.53 -3.50 -3.28
CA ALA A 415 -11.56 -4.51 -2.88
C ALA A 415 -12.25 -5.80 -2.44
N ARG A 416 -13.34 -5.70 -1.68
CA ARG A 416 -14.00 -6.93 -1.24
C ARG A 416 -14.67 -7.66 -2.41
N MET A 417 -15.26 -6.90 -3.33
CA MET A 417 -15.98 -7.52 -4.43
C MET A 417 -15.06 -8.35 -5.31
N MET A 418 -13.85 -7.84 -5.60
CA MET A 418 -12.95 -8.58 -6.48
C MET A 418 -12.44 -9.85 -5.81
N MET A 419 -12.41 -9.88 -4.47
CA MET A 419 -11.98 -11.07 -3.76
C MET A 419 -13.13 -12.06 -3.59
N TYR A 420 -14.32 -11.57 -3.23
CA TYR A 420 -15.46 -12.46 -2.96
C TYR A 420 -16.15 -12.93 -4.22
N TYR A 421 -15.99 -12.23 -5.34
CA TYR A 421 -16.57 -12.61 -6.62
C TYR A 421 -15.45 -12.76 -7.64
N PRO A 422 -14.62 -13.79 -7.51
CA PRO A 422 -13.47 -13.92 -8.41
C PRO A 422 -13.89 -14.31 -9.82
N GLY A 423 -13.02 -13.95 -10.77
CA GLY A 423 -13.17 -14.39 -12.15
C GLY A 423 -14.17 -13.62 -12.97
N ILE A 424 -14.75 -12.55 -12.44
CA ILE A 424 -15.72 -11.74 -13.17
C ILE A 424 -15.48 -10.27 -12.88
N VAL A 425 -16.23 -9.43 -13.58
CA VAL A 425 -16.30 -8.00 -13.31
C VAL A 425 -17.59 -7.76 -12.55
N THR A 426 -17.49 -7.14 -11.37
CA THR A 426 -18.64 -6.78 -10.57
C THR A 426 -18.70 -5.26 -10.40
N CYS A 427 -19.90 -4.76 -10.12
CA CYS A 427 -20.09 -3.34 -9.86
C CYS A 427 -21.18 -3.16 -8.82
N ASP A 428 -21.21 -1.98 -8.22
CA ASP A 428 -22.15 -1.67 -7.16
C ASP A 428 -23.40 -1.03 -7.76
N SER A 429 -24.40 -0.79 -6.90
CA SER A 429 -25.67 -0.25 -7.38
C SER A 429 -25.49 1.16 -7.95
N VAL A 430 -24.53 1.93 -7.41
CA VAL A 430 -24.28 3.26 -7.94
C VAL A 430 -23.83 3.18 -9.39
N THR A 431 -22.79 2.39 -9.65
CA THR A 431 -22.28 2.25 -11.01
C THR A 431 -23.36 1.70 -11.93
N TYR A 432 -24.11 0.69 -11.47
CA TYR A 432 -25.11 0.06 -12.30
C TYR A 432 -26.14 1.07 -12.80
N ASN A 433 -26.86 1.73 -11.88
CA ASN A 433 -27.96 2.60 -12.26
C ASN A 433 -27.47 3.75 -13.12
N GLY A 434 -26.36 4.38 -12.71
CA GLY A 434 -25.86 5.55 -13.40
C GLY A 434 -25.27 5.28 -14.76
N SER A 435 -24.98 4.02 -15.07
CA SER A 435 -24.37 3.70 -16.35
C SER A 435 -25.26 4.13 -17.51
N ASN A 436 -24.62 4.58 -18.59
CA ASN A 436 -25.30 4.85 -19.84
C ASN A 436 -25.46 3.56 -20.63
N LEU A 437 -25.96 2.51 -19.98
CA LEU A 437 -26.03 1.19 -20.57
C LEU A 437 -27.30 0.47 -20.11
N PRO A 438 -27.80 -0.46 -20.93
CA PRO A 438 -29.05 -1.14 -20.59
C PRO A 438 -28.84 -2.24 -19.57
N ALA A 439 -29.97 -2.72 -19.03
CA ALA A 439 -29.91 -3.63 -17.89
C ALA A 439 -29.37 -5.01 -18.30
N TYR A 440 -29.69 -5.47 -19.50
CA TYR A 440 -29.26 -6.80 -19.90
C TYR A 440 -27.75 -6.91 -20.05
N PHE A 441 -27.03 -5.78 -20.02
CA PHE A 441 -25.58 -5.82 -19.92
C PHE A 441 -25.11 -6.31 -18.56
N PHE A 442 -26.02 -6.51 -17.61
CA PHE A 442 -25.67 -6.84 -16.24
C PHE A 442 -26.39 -8.10 -15.80
N LYS A 443 -26.02 -8.58 -14.61
CA LYS A 443 -26.64 -9.74 -13.96
C LYS A 443 -26.61 -9.50 -12.46
N GLU A 444 -27.76 -9.40 -11.83
CA GLU A 444 -27.84 -9.23 -10.39
C GLU A 444 -27.22 -10.44 -9.70
N LEU A 445 -26.42 -10.19 -8.66
CA LEU A 445 -25.61 -11.23 -8.04
C LEU A 445 -26.19 -11.67 -6.71
N PRO A 446 -25.90 -12.91 -6.29
CA PRO A 446 -26.22 -13.32 -4.92
C PRO A 446 -25.33 -12.56 -3.93
N LYS A 447 -25.92 -11.71 -3.10
CA LYS A 447 -25.12 -10.84 -2.24
C LYS A 447 -24.59 -11.64 -1.06
N LYS A 448 -23.27 -11.72 -0.96
CA LYS A 448 -22.58 -12.47 0.06
C LYS A 448 -22.23 -11.58 1.25
N VAL A 449 -22.06 -12.20 2.40
CA VAL A 449 -21.63 -11.51 3.61
C VAL A 449 -20.12 -11.33 3.52
N MET A 450 -19.66 -10.07 3.55
CA MET A 450 -18.26 -9.76 3.29
C MET A 450 -17.62 -9.03 4.46
N LYS A 451 -16.30 -9.15 4.52
CA LYS A 451 -15.47 -8.64 5.62
C LYS A 451 -15.68 -7.15 5.83
N GLY A 452 -16.20 -6.80 7.01
CA GLY A 452 -16.32 -5.40 7.41
C GLY A 452 -16.94 -4.53 6.35
N VAL A 453 -18.07 -4.97 5.81
CA VAL A 453 -18.78 -4.26 4.74
C VAL A 453 -20.19 -4.00 5.23
N ALA A 454 -20.64 -2.75 5.13
CA ALA A 454 -21.99 -2.38 5.49
C ALA A 454 -22.92 -3.04 4.47
N ASP A 455 -24.22 -2.76 4.48
CA ASP A 455 -25.01 -3.40 3.44
C ASP A 455 -24.69 -2.69 2.13
N SER A 456 -23.99 -3.40 1.26
CA SER A 456 -23.69 -3.05 -0.11
C SER A 456 -24.69 -2.17 -0.86
N GLY A 457 -25.98 -2.52 -0.76
CA GLY A 457 -26.89 -2.30 -1.86
C GLY A 457 -26.77 -3.50 -2.77
N PRO A 458 -27.56 -3.56 -3.83
CA PRO A 458 -27.41 -4.65 -4.80
C PRO A 458 -26.09 -4.54 -5.53
N LEU A 459 -25.47 -5.70 -5.76
CA LEU A 459 -24.26 -5.82 -6.56
C LEU A 459 -24.57 -6.55 -7.86
N TYR A 460 -23.82 -6.22 -8.90
CA TYR A 460 -24.06 -6.75 -10.23
C TYR A 460 -22.77 -7.27 -10.83
N GLN A 461 -22.91 -8.27 -11.71
CA GLN A 461 -21.84 -8.67 -12.61
C GLN A 461 -22.02 -7.89 -13.91
N TYR A 462 -20.95 -7.25 -14.37
CA TYR A 462 -20.98 -6.62 -15.69
C TYR A 462 -20.81 -7.73 -16.73
N TRP A 463 -21.91 -8.10 -17.38
CA TRP A 463 -21.88 -9.23 -18.31
C TRP A 463 -21.27 -8.83 -19.66
N GLY A 464 -21.53 -7.61 -20.11
CA GLY A 464 -21.06 -7.15 -21.40
C GLY A 464 -22.19 -7.10 -22.41
N ARG A 465 -21.82 -6.63 -23.61
CA ARG A 465 -22.82 -6.36 -24.64
C ARG A 465 -23.40 -7.64 -25.26
N THR A 466 -22.73 -8.77 -25.11
CA THR A 466 -23.17 -10.01 -25.75
C THR A 466 -23.55 -11.05 -24.71
N GLU A 467 -24.36 -12.02 -25.15
CA GLU A 467 -24.51 -13.26 -24.38
C GLU A 467 -23.21 -14.03 -24.35
N LYS A 468 -22.48 -14.03 -25.47
CA LYS A 468 -21.20 -14.72 -25.58
C LYS A 468 -20.18 -14.19 -24.59
#